data_8KB3
#
_entry.id   8KB3
#
_cell.length_a   50.026
_cell.length_b   45.128
_cell.length_c   92.508
_cell.angle_alpha   90.000
_cell.angle_beta   90.160
_cell.angle_gamma   90.000
#
_symmetry.space_group_name_H-M   'P 1 21 1'
#
loop_
_entity.id
_entity.type
_entity.pdbx_description
1 polymer 'Superoxide dismutase [Mn]'
2 non-polymer GLYCEROL
3 non-polymer 1,2-ETHANEDIOL
4 non-polymer 'MANGANESE (II) ION'
5 non-polymer 'SULFATE ION'
6 water water
#
_entity_poly.entity_id   1
_entity_poly.type   'polypeptide(L)'
_entity_poly.pdbx_seq_one_letter_code
;MSYTLPSLPYAYDALEPHFDKQTMEIHHTKHHQTYVNNANAALENLPEFASLPVEELITKLDQVPADKKTVLRNNAGGHA
NHSLFWKGLKKGTTLQGDLKAAIERDFGSVDNFKAEFEKAAATRFGSGWAWLVLKGDKLAVVSTANQDSPLMGEAISGAS
GFPILGLDVWEHAYYLKFQNRRPDYIKEFWNVVNWDEAAARFAAKK
;
_entity_poly.pdbx_strand_id   A,B
#
loop_
_chem_comp.id
_chem_comp.type
_chem_comp.name
_chem_comp.formula
EDO non-polymer 1,2-ETHANEDIOL 'C2 H6 O2'
GOL non-polymer GLYCEROL 'C3 H8 O3'
MN non-polymer 'MANGANESE (II) ION' 'Mn 2'
SO4 non-polymer 'SULFATE ION' 'O4 S -2'
#
# COMPACT_ATOMS: atom_id res chain seq x y z
N MET A 1 -19.31 -1.78 17.68
CA MET A 1 -20.23 -2.80 18.18
C MET A 1 -20.09 -4.14 17.45
N SER A 2 -20.32 -4.14 16.13
CA SER A 2 -20.43 -5.38 15.38
C SER A 2 -19.21 -6.25 15.57
N TYR A 3 -18.05 -5.70 15.29
CA TYR A 3 -16.79 -6.42 15.34
C TYR A 3 -15.99 -6.02 16.56
N THR A 4 -15.13 -6.92 16.98
CA THR A 4 -14.21 -6.65 18.06
C THR A 4 -12.82 -7.04 17.62
N LEU A 5 -11.86 -6.28 18.09
CA LEU A 5 -10.48 -6.67 17.92
C LEU A 5 -10.29 -8.02 18.60
N PRO A 6 -9.92 -9.07 17.88
CA PRO A 6 -9.88 -10.39 18.48
C PRO A 6 -8.72 -10.52 19.45
N SER A 7 -8.91 -11.37 20.43
CA SER A 7 -7.84 -11.76 21.32
C SER A 7 -6.81 -12.52 20.51
N LEU A 8 -5.56 -12.12 20.63
CA LEU A 8 -4.48 -12.78 19.89
C LEU A 8 -4.23 -14.18 20.45
N PRO A 9 -3.69 -15.09 19.64
CA PRO A 9 -3.34 -16.41 20.18
C PRO A 9 -2.14 -16.36 21.10
N TYR A 10 -1.52 -15.19 21.25
CA TYR A 10 -0.18 -15.09 21.79
C TYR A 10 0.05 -13.66 22.24
N ALA A 11 1.06 -13.47 23.07
CA ALA A 11 1.54 -12.13 23.35
C ALA A 11 2.22 -11.54 22.12
N TYR A 12 2.38 -10.22 22.13
CA TYR A 12 2.92 -9.53 20.96
C TYR A 12 4.31 -10.00 20.61
N ASP A 13 5.06 -10.48 21.59
CA ASP A 13 6.44 -10.86 21.37
C ASP A 13 6.59 -12.34 21.03
N ALA A 14 5.49 -13.04 20.81
CA ALA A 14 5.57 -14.48 20.68
C ALA A 14 6.22 -14.91 19.38
N LEU A 15 6.26 -14.02 18.39
CA LEU A 15 6.84 -14.36 17.12
C LEU A 15 8.30 -13.94 17.02
N GLU A 16 8.82 -13.33 18.08
CA GLU A 16 10.25 -13.08 18.12
C GLU A 16 10.96 -14.42 18.06
N PRO A 17 12.11 -14.50 17.40
CA PRO A 17 12.85 -13.38 16.82
C PRO A 17 12.52 -13.10 15.39
N HIS A 18 11.40 -13.61 14.90
CA HIS A 18 11.11 -13.54 13.48
C HIS A 18 10.33 -12.30 13.11
N PHE A 19 9.17 -12.12 13.74
CA PHE A 19 8.34 -10.94 13.57
C PHE A 19 8.46 -10.11 14.83
N ASP A 20 8.78 -8.82 14.66
CA ASP A 20 9.17 -8.02 15.80
C ASP A 20 7.96 -7.65 16.63
N LYS A 21 8.17 -7.64 17.95
CA LYS A 21 7.06 -7.43 18.87
C LYS A 21 6.46 -6.04 18.73
N GLN A 22 7.28 -5.03 18.41
CA GLN A 22 6.74 -3.69 18.23
C GLN A 22 5.73 -3.68 17.11
N THR A 23 6.08 -4.31 15.99
CA THR A 23 5.16 -4.35 14.87
C THR A 23 3.93 -5.15 15.22
N MET A 24 4.09 -6.31 15.84
CA MET A 24 2.91 -7.08 16.19
C MET A 24 1.96 -6.29 17.06
N GLU A 25 2.50 -5.52 18.01
CA GLU A 25 1.63 -4.74 18.87
C GLU A 25 0.90 -3.67 18.08
N ILE A 26 1.63 -2.87 17.32
CA ILE A 26 1.01 -1.82 16.52
C ILE A 26 0.04 -2.44 15.53
N HIS A 27 0.45 -3.54 14.94
CA HIS A 27 -0.37 -4.18 13.93
C HIS A 27 -1.74 -4.52 14.47
N HIS A 28 -1.74 -5.04 15.70
CA HIS A 28 -2.97 -5.40 16.37
C HIS A 28 -3.67 -4.18 16.95
N THR A 29 -2.98 -3.44 17.81
CA THR A 29 -3.63 -2.40 18.61
C THR A 29 -3.97 -1.18 17.80
N LYS A 30 -3.26 -0.95 16.70
CA LYS A 30 -3.48 0.24 15.90
C LYS A 30 -4.14 -0.13 14.59
N HIS A 31 -3.46 -0.90 13.75
CA HIS A 31 -3.97 -1.14 12.41
C HIS A 31 -5.22 -1.98 12.46
N HIS A 32 -5.15 -3.14 13.11
CA HIS A 32 -6.32 -3.97 13.16
C HIS A 32 -7.46 -3.27 13.89
N GLN A 33 -7.15 -2.64 15.02
CA GLN A 33 -8.16 -1.89 15.76
C GLN A 33 -8.86 -0.90 14.86
N THR A 34 -8.08 -0.19 14.05
CA THR A 34 -8.66 0.81 13.18
C THR A 34 -9.59 0.17 12.17
N TYR A 35 -9.21 -1.00 11.64
CA TYR A 35 -10.10 -1.67 10.72
C TYR A 35 -11.39 -2.06 11.41
N VAL A 36 -11.28 -2.58 12.63
CA VAL A 36 -12.46 -2.92 13.39
C VAL A 36 -13.30 -1.68 13.61
N ASN A 37 -12.67 -0.60 14.05
CA ASN A 37 -13.42 0.62 14.35
C ASN A 37 -14.10 1.16 13.10
N ASN A 38 -13.36 1.23 12.00
CA ASN A 38 -13.95 1.82 10.82
C ASN A 38 -14.99 0.90 10.20
N ALA A 39 -14.78 -0.41 10.27
CA ALA A 39 -15.83 -1.33 9.84
C ALA A 39 -17.06 -1.17 10.70
N ASN A 40 -16.85 -1.12 12.02
CA ASN A 40 -17.99 -0.94 12.94
C ASN A 40 -18.73 0.34 12.64
N ALA A 41 -17.99 1.42 12.43
CA ALA A 41 -18.62 2.69 12.11
C ALA A 41 -19.49 2.56 10.88
N ALA A 42 -18.97 1.86 9.87
CA ALA A 42 -19.71 1.71 8.63
C ALA A 42 -20.90 0.79 8.79
N LEU A 43 -20.86 -0.11 9.75
CA LEU A 43 -21.94 -1.07 9.94
C LEU A 43 -23.04 -0.55 10.86
N GLU A 44 -22.81 0.60 11.52
CA GLU A 44 -23.85 1.13 12.39
C GLU A 44 -25.16 1.28 11.66
N ASN A 45 -25.12 1.76 10.42
CA ASN A 45 -26.31 2.00 9.62
C ASN A 45 -26.82 0.76 8.95
N LEU A 46 -26.15 -0.37 9.13
CA LEU A 46 -26.42 -1.58 8.35
C LEU A 46 -26.71 -2.74 9.30
N PRO A 47 -27.78 -2.66 10.08
CA PRO A 47 -28.07 -3.77 10.99
C PRO A 47 -28.24 -5.08 10.26
N GLU A 48 -28.73 -5.08 9.03
CA GLU A 48 -28.91 -6.34 8.31
C GLU A 48 -27.58 -6.94 7.86
N PHE A 49 -26.48 -6.20 7.97
CA PHE A 49 -25.16 -6.70 7.68
C PHE A 49 -24.26 -6.78 8.90
N ALA A 50 -24.54 -5.98 9.93
CA ALA A 50 -23.67 -5.92 11.08
C ALA A 50 -23.62 -7.23 11.83
N SER A 51 -24.66 -8.07 11.68
CA SER A 51 -24.68 -9.33 12.38
C SER A 51 -23.80 -10.37 11.72
N LEU A 52 -23.41 -10.16 10.46
CA LEU A 52 -22.65 -11.20 9.77
C LEU A 52 -21.26 -11.30 10.38
N PRO A 53 -20.72 -12.50 10.48
CA PRO A 53 -19.28 -12.65 10.72
C PRO A 53 -18.55 -11.87 9.65
N VAL A 54 -17.45 -11.24 10.03
CA VAL A 54 -16.73 -10.43 9.06
C VAL A 54 -16.35 -11.28 7.84
N GLU A 55 -15.99 -12.55 8.05
CA GLU A 55 -15.59 -13.39 6.93
C GLU A 55 -16.75 -13.63 5.99
N GLU A 56 -17.97 -13.56 6.50
CA GLU A 56 -19.10 -13.69 5.61
C GLU A 56 -19.46 -12.36 4.98
N LEU A 57 -19.38 -11.28 5.76
CA LEU A 57 -19.68 -9.96 5.23
C LEU A 57 -18.86 -9.69 3.99
N ILE A 58 -17.57 -10.02 4.03
CA ILE A 58 -16.75 -9.69 2.89
C ILE A 58 -17.03 -10.57 1.69
N THR A 59 -17.79 -11.65 1.84
CA THR A 59 -18.25 -12.37 0.66
C THR A 59 -19.51 -11.76 0.07
N LYS A 60 -20.07 -10.76 0.73
CA LYS A 60 -21.35 -10.18 0.35
C LYS A 60 -21.21 -8.69 0.09
N LEU A 61 -19.99 -8.23 -0.23
CA LEU A 61 -19.79 -6.81 -0.43
C LEU A 61 -20.64 -6.28 -1.56
N ASP A 62 -20.94 -7.11 -2.55
CA ASP A 62 -21.77 -6.62 -3.63
C ASP A 62 -23.19 -6.36 -3.19
N GLN A 63 -23.59 -6.84 -2.02
CA GLN A 63 -24.93 -6.60 -1.51
C GLN A 63 -25.02 -5.33 -0.68
N VAL A 64 -23.90 -4.69 -0.36
CA VAL A 64 -23.99 -3.55 0.54
C VAL A 64 -24.45 -2.37 -0.30
N PRO A 65 -25.01 -1.34 0.33
CA PRO A 65 -25.25 -0.10 -0.40
C PRO A 65 -23.97 0.36 -1.06
N ALA A 66 -24.10 0.93 -2.25
CA ALA A 66 -22.92 1.37 -2.99
C ALA A 66 -21.99 2.20 -2.10
N ASP A 67 -22.56 3.07 -1.26
CA ASP A 67 -21.71 3.98 -0.53
C ASP A 67 -21.03 3.32 0.66
N LYS A 68 -21.31 2.04 0.89
CA LYS A 68 -20.73 1.28 1.96
C LYS A 68 -19.68 0.30 1.46
N LYS A 69 -19.64 0.07 0.15
CA LYS A 69 -18.84 -1.04 -0.38
C LYS A 69 -17.38 -0.83 -0.07
N THR A 70 -16.85 0.35 -0.39
CA THR A 70 -15.42 0.55 -0.26
C THR A 70 -14.99 0.52 1.19
N VAL A 71 -15.69 1.25 2.05
CA VAL A 71 -15.25 1.32 3.45
C VAL A 71 -15.30 -0.05 4.09
N LEU A 72 -16.32 -0.85 3.78
CA LEU A 72 -16.37 -2.17 4.38
C LEU A 72 -15.42 -3.11 3.66
N ARG A 73 -15.30 -3.01 2.35
CA ARG A 73 -14.29 -3.82 1.69
C ARG A 73 -12.95 -3.62 2.36
N ASN A 74 -12.57 -2.36 2.59
CA ASN A 74 -11.27 -2.06 3.17
C ASN A 74 -11.22 -2.48 4.62
N ASN A 75 -12.25 -2.14 5.39
CA ASN A 75 -12.10 -2.33 6.83
C ASN A 75 -12.59 -3.69 7.29
N ALA A 76 -13.69 -4.18 6.73
CA ALA A 76 -14.04 -5.57 7.03
C ALA A 76 -13.02 -6.50 6.44
N GLY A 77 -12.55 -6.21 5.23
CA GLY A 77 -11.42 -6.95 4.71
C GLY A 77 -10.24 -6.91 5.64
N GLY A 78 -9.90 -5.71 6.13
CA GLY A 78 -8.77 -5.60 7.05
C GLY A 78 -9.01 -6.40 8.31
N HIS A 79 -10.22 -6.32 8.84
CA HIS A 79 -10.54 -7.09 10.02
C HIS A 79 -10.44 -8.59 9.75
N ALA A 80 -11.08 -9.05 8.69
CA ALA A 80 -10.99 -10.46 8.33
C ALA A 80 -9.55 -10.88 8.13
N ASN A 81 -8.78 -10.12 7.36
CA ASN A 81 -7.43 -10.55 7.04
C ASN A 81 -6.55 -10.58 8.26
N HIS A 82 -6.64 -9.57 9.11
CA HIS A 82 -5.80 -9.54 10.29
C HIS A 82 -6.22 -10.63 11.26
N SER A 83 -7.53 -10.84 11.41
CA SER A 83 -8.00 -11.94 12.24
C SER A 83 -7.41 -13.26 11.80
N LEU A 84 -7.39 -13.48 10.48
CA LEU A 84 -6.79 -14.68 9.95
C LEU A 84 -5.30 -14.69 10.19
N PHE A 85 -4.66 -13.55 9.95
CA PHE A 85 -3.20 -13.48 10.01
C PHE A 85 -2.70 -13.91 11.38
N TRP A 86 -3.29 -13.36 12.45
CA TRP A 86 -2.84 -13.68 13.79
C TRP A 86 -2.97 -15.17 14.07
N LYS A 87 -4.11 -15.75 13.71
CA LYS A 87 -4.26 -17.17 13.92
C LYS A 87 -3.34 -17.97 13.04
N GLY A 88 -2.89 -17.36 11.96
CA GLY A 88 -2.00 -17.99 11.02
C GLY A 88 -0.54 -17.82 11.33
N LEU A 89 -0.22 -17.34 12.52
CA LEU A 89 1.16 -17.11 12.92
C LEU A 89 1.43 -17.89 14.18
N LYS A 90 2.52 -18.65 14.17
CA LYS A 90 2.92 -19.39 15.35
C LYS A 90 4.29 -19.97 15.06
N LYS A 91 5.16 -19.92 16.06
CA LYS A 91 6.44 -20.57 15.89
C LYS A 91 6.33 -22.05 16.17
N GLY A 92 7.29 -22.80 15.63
CA GLY A 92 7.47 -24.16 16.03
C GLY A 92 6.59 -25.15 15.32
N THR A 93 5.84 -24.72 14.31
CA THR A 93 5.02 -25.67 13.58
C THR A 93 5.81 -26.30 12.46
N THR A 94 5.31 -27.43 11.99
CA THR A 94 5.88 -28.12 10.86
C THR A 94 4.77 -28.38 9.87
N LEU A 95 4.99 -27.93 8.63
CA LEU A 95 4.07 -28.29 7.57
C LEU A 95 4.07 -29.79 7.40
N GLN A 96 2.90 -30.41 7.46
CA GLN A 96 2.86 -31.86 7.48
C GLN A 96 1.50 -32.33 7.01
N GLY A 97 1.36 -33.65 6.92
CA GLY A 97 0.04 -34.21 6.78
C GLY A 97 -0.63 -33.84 5.47
N ASP A 98 -1.95 -33.78 5.52
CA ASP A 98 -2.74 -33.56 4.31
C ASP A 98 -2.38 -32.26 3.63
N LEU A 99 -2.15 -31.21 4.41
CA LEU A 99 -1.86 -29.92 3.80
C LEU A 99 -0.53 -29.97 3.06
N LYS A 100 0.48 -30.55 3.70
CA LYS A 100 1.75 -30.71 3.01
C LYS A 100 1.57 -31.51 1.73
N ALA A 101 0.82 -32.61 1.81
CA ALA A 101 0.63 -33.43 0.62
C ALA A 101 -0.16 -32.68 -0.43
N ALA A 102 -1.16 -31.90 -0.02
CA ALA A 102 -1.90 -31.12 -1.00
C ALA A 102 -1.02 -30.05 -1.62
N ILE A 103 -0.15 -29.43 -0.82
CA ILE A 103 0.78 -28.47 -1.37
C ILE A 103 1.70 -29.15 -2.35
N GLU A 104 2.19 -30.33 -1.98
CA GLU A 104 3.06 -31.06 -2.88
C GLU A 104 2.30 -31.44 -4.14
N ARG A 105 1.04 -31.83 -3.99
CA ARG A 105 0.22 -32.21 -5.13
C ARG A 105 0.00 -31.01 -6.05
N ASP A 106 -0.36 -29.87 -5.48
CA ASP A 106 -0.81 -28.77 -6.31
C ASP A 106 0.30 -27.86 -6.77
N PHE A 107 1.43 -27.84 -6.07
CA PHE A 107 2.55 -27.03 -6.49
C PHE A 107 3.73 -27.84 -6.94
N GLY A 108 3.68 -29.16 -6.80
CA GLY A 108 4.77 -30.02 -7.18
C GLY A 108 5.72 -30.33 -6.04
N SER A 109 5.89 -29.40 -5.12
CA SER A 109 6.75 -29.59 -3.96
C SER A 109 6.48 -28.43 -3.02
N VAL A 110 6.86 -28.62 -1.75
CA VAL A 110 6.78 -27.51 -0.82
C VAL A 110 7.63 -26.36 -1.32
N ASP A 111 8.84 -26.65 -1.80
CA ASP A 111 9.71 -25.58 -2.27
C ASP A 111 9.09 -24.83 -3.43
N ASN A 112 8.48 -25.54 -4.38
CA ASN A 112 7.78 -24.85 -5.46
C ASN A 112 6.72 -23.94 -4.90
N PHE A 113 5.94 -24.43 -3.94
CA PHE A 113 4.91 -23.60 -3.35
C PHE A 113 5.53 -22.39 -2.68
N LYS A 114 6.59 -22.59 -1.89
CA LYS A 114 7.22 -21.48 -1.19
C LYS A 114 7.69 -20.45 -2.19
N ALA A 115 8.35 -20.90 -3.24
CA ALA A 115 8.82 -19.95 -4.25
C ALA A 115 7.66 -19.19 -4.86
N GLU A 116 6.57 -19.89 -5.17
CA GLU A 116 5.42 -19.21 -5.74
C GLU A 116 4.83 -18.23 -4.73
N PHE A 117 4.72 -18.66 -3.47
CA PHE A 117 4.19 -17.77 -2.45
C PHE A 117 5.10 -16.56 -2.27
N GLU A 118 6.40 -16.80 -2.18
CA GLU A 118 7.36 -15.70 -2.05
C GLU A 118 7.25 -14.76 -3.22
N LYS A 119 7.09 -15.31 -4.42
CA LYS A 119 6.99 -14.47 -5.60
C LYS A 119 5.73 -13.61 -5.53
N ALA A 120 4.60 -14.22 -5.15
CA ALA A 120 3.39 -13.44 -5.02
C ALA A 120 3.55 -12.39 -3.94
N ALA A 121 4.12 -12.78 -2.80
CA ALA A 121 4.26 -11.85 -1.69
C ALA A 121 5.21 -10.72 -2.07
N ALA A 122 6.28 -11.05 -2.80
CA ALA A 122 7.25 -10.04 -3.16
C ALA A 122 6.75 -9.13 -4.26
N THR A 123 5.97 -9.68 -5.19
CA THR A 123 5.54 -8.88 -6.33
C THR A 123 4.30 -8.06 -6.08
N ARG A 124 3.60 -8.31 -4.97
CA ARG A 124 2.47 -7.47 -4.63
C ARG A 124 2.94 -6.03 -4.52
N PHE A 125 2.51 -5.20 -5.47
CA PHE A 125 2.99 -3.84 -5.52
C PHE A 125 2.05 -2.96 -4.71
N GLY A 126 2.63 -2.18 -3.80
CA GLY A 126 1.81 -1.44 -2.88
C GLY A 126 1.43 -2.34 -1.72
N SER A 127 0.29 -2.04 -1.13
CA SER A 127 -0.18 -2.78 0.01
C SER A 127 -0.96 -4.00 -0.41
N GLY A 128 -0.90 -5.04 0.40
CA GLY A 128 -1.78 -6.15 0.13
C GLY A 128 -1.32 -7.38 0.86
N TRP A 129 -1.74 -8.51 0.33
CA TRP A 129 -1.62 -9.78 1.01
C TRP A 129 -1.26 -10.83 0.00
N ALA A 130 -0.42 -11.76 0.42
CA ALA A 130 -0.20 -12.99 -0.32
C ALA A 130 -0.95 -14.10 0.39
N TRP A 131 -1.60 -14.95 -0.37
CA TRP A 131 -2.46 -15.97 0.18
C TRP A 131 -2.11 -17.33 -0.36
N LEU A 132 -2.22 -18.32 0.51
CA LEU A 132 -2.41 -19.68 0.05
C LEU A 132 -3.91 -19.92 0.15
N VAL A 133 -4.55 -20.14 -0.99
CA VAL A 133 -6.00 -20.34 -0.96
C VAL A 133 -6.30 -21.75 -1.44
N LEU A 134 -7.46 -22.21 -1.05
CA LEU A 134 -8.03 -23.41 -1.60
C LEU A 134 -9.18 -23.00 -2.50
N LYS A 135 -9.08 -23.36 -3.78
CA LYS A 135 -10.11 -23.11 -4.77
C LYS A 135 -10.72 -24.47 -5.07
N GLY A 136 -11.77 -24.81 -4.33
CA GLY A 136 -12.39 -26.09 -4.48
C GLY A 136 -11.46 -27.23 -4.11
N ASP A 137 -10.87 -27.85 -5.12
CA ASP A 137 -10.02 -29.01 -4.92
C ASP A 137 -8.56 -28.70 -5.11
N LYS A 138 -8.20 -27.45 -5.39
CA LYS A 138 -6.82 -27.13 -5.71
C LYS A 138 -6.35 -25.95 -4.90
N LEU A 139 -5.16 -26.08 -4.33
CA LEU A 139 -4.51 -24.97 -3.67
C LEU A 139 -3.92 -24.04 -4.70
N ALA A 140 -3.86 -22.76 -4.34
CA ALA A 140 -3.31 -21.78 -5.24
C ALA A 140 -2.70 -20.67 -4.42
N VAL A 141 -1.72 -20.00 -5.00
CA VAL A 141 -1.17 -18.81 -4.41
C VAL A 141 -1.81 -17.65 -5.16
N VAL A 142 -2.44 -16.77 -4.42
CA VAL A 142 -3.00 -15.57 -5.00
C VAL A 142 -2.55 -14.42 -4.15
N SER A 143 -2.75 -13.22 -4.65
CA SER A 143 -2.47 -12.08 -3.82
C SER A 143 -3.57 -11.06 -4.05
N THR A 144 -3.71 -10.19 -3.08
CA THR A 144 -4.77 -9.19 -3.15
C THR A 144 -4.17 -7.85 -2.79
N ALA A 145 -4.86 -6.82 -3.22
CA ALA A 145 -4.49 -5.46 -2.92
C ALA A 145 -5.09 -5.04 -1.60
N ASN A 146 -4.36 -4.21 -0.87
CA ASN A 146 -4.86 -3.48 0.29
C ASN A 146 -5.41 -4.50 1.27
N GLN A 147 -6.66 -4.38 1.70
CA GLN A 147 -7.23 -5.38 2.60
C GLN A 147 -8.24 -6.27 1.88
N ASP A 148 -8.13 -6.35 0.56
CA ASP A 148 -8.95 -7.31 -0.14
C ASP A 148 -8.60 -8.71 0.31
N SER A 149 -9.60 -9.54 0.31
CA SER A 149 -9.45 -10.93 0.64
C SER A 149 -9.92 -11.75 -0.54
N PRO A 150 -9.31 -12.91 -0.81
CA PRO A 150 -9.91 -13.81 -1.81
C PRO A 150 -11.32 -14.19 -1.47
N LEU A 151 -11.70 -14.14 -0.18
CA LEU A 151 -13.08 -14.38 0.19
C LEU A 151 -14.03 -13.40 -0.47
N MET A 152 -13.53 -12.24 -0.90
CA MET A 152 -14.31 -11.22 -1.58
C MET A 152 -14.70 -11.63 -2.97
N GLY A 153 -13.98 -12.61 -3.52
CA GLY A 153 -14.26 -13.09 -4.84
C GLY A 153 -13.50 -12.33 -5.89
N GLU A 154 -13.57 -12.88 -7.10
CA GLU A 154 -12.75 -12.40 -8.21
C GLU A 154 -13.11 -10.99 -8.60
N ALA A 155 -14.41 -10.70 -8.70
CA ALA A 155 -14.83 -9.41 -9.25
C ALA A 155 -14.28 -8.27 -8.42
N ILE A 156 -14.31 -8.40 -7.10
CA ILE A 156 -13.81 -7.33 -6.24
C ILE A 156 -12.30 -7.43 -6.07
N SER A 157 -11.81 -8.61 -5.69
CA SER A 157 -10.44 -8.71 -5.21
C SER A 157 -9.47 -9.18 -6.27
N GLY A 158 -9.95 -9.64 -7.42
CA GLY A 158 -9.05 -10.23 -8.38
C GLY A 158 -8.50 -11.56 -7.96
N ALA A 159 -9.02 -12.11 -6.87
CA ALA A 159 -8.61 -13.41 -6.39
C ALA A 159 -9.82 -14.11 -5.81
N SER A 160 -9.68 -15.39 -5.58
CA SER A 160 -10.76 -16.12 -4.96
C SER A 160 -10.16 -17.32 -4.25
N GLY A 161 -11.01 -18.03 -3.57
CA GLY A 161 -10.56 -19.18 -2.84
C GLY A 161 -10.61 -18.94 -1.35
N PHE A 162 -10.64 -20.04 -0.63
CA PHE A 162 -10.66 -19.98 0.80
C PHE A 162 -9.23 -19.78 1.30
N PRO A 163 -8.96 -18.74 2.05
CA PRO A 163 -7.59 -18.51 2.50
C PRO A 163 -7.18 -19.52 3.55
N ILE A 164 -6.22 -20.35 3.18
CA ILE A 164 -5.64 -21.27 4.14
C ILE A 164 -4.73 -20.51 5.07
N LEU A 165 -3.90 -19.64 4.52
CA LEU A 165 -3.04 -18.78 5.29
C LEU A 165 -2.73 -17.61 4.39
N GLY A 166 -2.13 -16.60 4.98
CA GLY A 166 -1.83 -15.42 4.21
C GLY A 166 -0.70 -14.67 4.88
N LEU A 167 -0.05 -13.85 4.08
CA LEU A 167 1.02 -13.02 4.57
C LEU A 167 0.65 -11.58 4.27
N ASP A 168 0.61 -10.79 5.32
CA ASP A 168 0.42 -9.35 5.17
C ASP A 168 1.68 -8.76 4.59
N VAL A 169 1.58 -8.15 3.41
CA VAL A 169 2.74 -7.45 2.90
C VAL A 169 2.51 -5.95 2.80
N TRP A 170 1.53 -5.44 3.52
CA TRP A 170 1.56 -4.01 3.80
C TRP A 170 2.88 -3.68 4.47
N GLU A 171 3.43 -2.53 4.15
CA GLU A 171 4.70 -2.18 4.76
C GLU A 171 4.59 -2.05 6.26
N HIS A 172 3.40 -1.73 6.79
CA HIS A 172 3.31 -1.70 8.25
C HIS A 172 3.57 -3.06 8.87
N ALA A 173 3.43 -4.14 8.10
CA ALA A 173 3.67 -5.46 8.67
C ALA A 173 5.15 -5.75 8.82
N TYR A 174 6.00 -5.00 8.14
CA TYR A 174 7.39 -5.38 8.14
C TYR A 174 8.35 -4.21 8.14
N TYR A 175 7.87 -2.97 8.09
CA TYR A 175 8.80 -1.89 7.82
C TYR A 175 9.72 -1.63 9.01
N LEU A 176 9.21 -1.73 10.23
CA LEU A 176 10.03 -1.38 11.38
C LEU A 176 11.27 -2.25 11.46
N LYS A 177 11.13 -3.53 11.17
CA LYS A 177 12.27 -4.43 11.28
C LYS A 177 12.99 -4.58 9.95
N PHE A 178 12.23 -4.66 8.86
CA PHE A 178 12.78 -5.04 7.58
C PHE A 178 12.91 -3.87 6.63
N GLN A 179 12.33 -2.72 6.96
CA GLN A 179 12.22 -1.61 6.03
C GLN A 179 11.84 -2.13 4.65
N ASN A 180 12.57 -1.72 3.62
CA ASN A 180 12.23 -2.09 2.27
C ASN A 180 12.47 -3.57 1.97
N ARG A 181 13.12 -4.29 2.87
CA ARG A 181 13.59 -5.63 2.56
C ARG A 181 12.46 -6.64 2.74
N ARG A 182 11.39 -6.41 1.98
CA ARG A 182 10.24 -7.29 2.10
C ARG A 182 10.62 -8.75 1.87
N PRO A 183 11.52 -9.10 0.95
CA PRO A 183 11.90 -10.51 0.84
C PRO A 183 12.39 -11.12 2.12
N ASP A 184 13.15 -10.37 2.94
CA ASP A 184 13.64 -10.90 4.20
C ASP A 184 12.48 -11.19 5.13
N TYR A 185 11.49 -10.30 5.12
CA TYR A 185 10.29 -10.50 5.91
C TYR A 185 9.54 -11.72 5.42
N ILE A 186 9.44 -11.86 4.10
CA ILE A 186 8.77 -13.01 3.50
C ILE A 186 9.48 -14.29 3.92
N LYS A 187 10.81 -14.28 3.89
CA LYS A 187 11.57 -15.44 4.36
C LYS A 187 11.28 -15.72 5.82
N GLU A 188 11.25 -14.67 6.65
CA GLU A 188 10.95 -14.85 8.06
C GLU A 188 9.56 -15.42 8.26
N PHE A 189 8.64 -15.08 7.35
CA PHE A 189 7.28 -15.58 7.47
C PHE A 189 7.28 -17.10 7.54
N TRP A 190 8.18 -17.76 6.82
CA TRP A 190 8.20 -19.21 6.87
C TRP A 190 8.47 -19.71 8.27
N ASN A 191 9.15 -18.94 9.10
CA ASN A 191 9.41 -19.37 10.46
C ASN A 191 8.23 -19.20 11.37
N VAL A 192 7.23 -18.42 10.95
CA VAL A 192 6.11 -18.13 11.82
C VAL A 192 4.78 -18.47 11.17
N VAL A 193 4.77 -18.94 9.93
CA VAL A 193 3.50 -19.36 9.38
C VAL A 193 3.01 -20.54 10.18
N ASN A 194 1.79 -20.42 10.69
CA ASN A 194 1.28 -21.41 11.62
C ASN A 194 0.74 -22.57 10.80
N TRP A 195 1.57 -23.57 10.55
CA TRP A 195 1.08 -24.66 9.73
C TRP A 195 -0.01 -25.45 10.42
N ASP A 196 -0.05 -25.39 11.77
CA ASP A 196 -1.13 -26.08 12.47
C ASP A 196 -2.46 -25.45 12.13
N GLU A 197 -2.51 -24.13 12.15
CA GLU A 197 -3.75 -23.45 11.77
C GLU A 197 -4.05 -23.64 10.30
N ALA A 198 -3.03 -23.48 9.45
CA ALA A 198 -3.23 -23.73 8.03
C ALA A 198 -3.77 -25.13 7.82
N ALA A 199 -3.18 -26.12 8.50
CA ALA A 199 -3.67 -27.49 8.38
C ALA A 199 -5.11 -27.60 8.86
N ALA A 200 -5.45 -26.92 9.95
CA ALA A 200 -6.81 -26.99 10.46
C ALA A 200 -7.77 -26.38 9.46
N ARG A 201 -7.40 -25.25 8.88
CA ARG A 201 -8.27 -24.62 7.90
C ARG A 201 -8.39 -25.48 6.67
N PHE A 202 -7.27 -26.08 6.25
CA PHE A 202 -7.33 -27.00 5.14
C PHE A 202 -8.21 -28.19 5.48
N ALA A 203 -8.07 -28.72 6.69
CA ALA A 203 -8.89 -29.87 7.08
C ALA A 203 -10.37 -29.51 7.04
N ALA A 204 -10.71 -28.29 7.43
CA ALA A 204 -12.11 -27.90 7.42
C ALA A 204 -12.63 -27.77 6.01
N LYS A 205 -11.79 -27.30 5.09
CA LYS A 205 -12.28 -26.85 3.81
C LYS A 205 -11.96 -27.79 2.68
N LYS A 206 -11.05 -28.73 2.87
CA LYS A 206 -10.63 -29.58 1.77
C LYS A 206 -11.73 -30.50 1.28
N MET B 1 20.39 3.23 -17.48
CA MET B 1 19.84 3.11 -18.83
C MET B 1 18.83 4.21 -19.12
N SER B 2 17.54 3.88 -19.09
CA SER B 2 16.52 4.89 -19.37
C SER B 2 16.47 5.93 -18.27
N TYR B 3 16.43 5.49 -17.02
CA TYR B 3 16.25 6.38 -15.89
C TYR B 3 17.43 6.27 -14.94
N THR B 4 17.61 7.32 -14.18
CA THR B 4 18.60 7.33 -13.12
C THR B 4 17.94 7.79 -11.84
N LEU B 5 18.49 7.31 -10.75
CA LEU B 5 18.16 7.88 -9.46
C LEU B 5 18.63 9.32 -9.43
N PRO B 6 17.74 10.30 -9.27
CA PRO B 6 18.20 11.68 -9.16
C PRO B 6 18.88 11.89 -7.83
N SER B 7 19.83 12.81 -7.80
CA SER B 7 20.33 13.23 -6.50
C SER B 7 19.23 13.88 -5.70
N LEU B 8 19.23 13.59 -4.41
CA LEU B 8 18.39 14.37 -3.52
C LEU B 8 18.83 15.83 -3.57
N PRO B 9 17.90 16.78 -3.48
CA PRO B 9 18.28 18.19 -3.41
C PRO B 9 18.94 18.55 -2.10
N TYR B 10 19.13 17.58 -1.22
CA TYR B 10 19.51 17.88 0.14
C TYR B 10 20.06 16.62 0.78
N ALA B 11 20.65 16.80 1.95
CA ALA B 11 21.18 15.68 2.69
C ALA B 11 20.06 14.87 3.31
N TYR B 12 20.41 13.65 3.75
CA TYR B 12 19.40 12.70 4.23
C TYR B 12 18.66 13.30 5.40
N ASP B 13 19.35 14.11 6.19
CA ASP B 13 18.81 14.69 7.41
C ASP B 13 18.30 16.11 7.20
N ALA B 14 18.22 16.56 5.95
CA ALA B 14 17.86 17.95 5.71
C ALA B 14 16.39 18.24 6.04
N LEU B 15 15.56 17.22 6.21
CA LEU B 15 14.16 17.44 6.53
C LEU B 15 13.89 17.20 8.00
N GLU B 16 14.92 16.83 8.76
CA GLU B 16 14.79 16.75 10.20
C GLU B 16 14.48 18.14 10.74
N PRO B 17 13.71 18.24 11.82
CA PRO B 17 13.18 17.13 12.63
C PRO B 17 11.84 16.60 12.15
N HIS B 18 11.47 16.90 10.91
CA HIS B 18 10.12 16.59 10.45
C HIS B 18 10.04 15.22 9.79
N PHE B 19 10.82 15.01 8.74
CA PHE B 19 10.93 13.71 8.09
C PHE B 19 12.27 13.14 8.48
N ASP B 20 12.28 11.87 8.91
CA ASP B 20 13.49 11.33 9.50
C ASP B 20 14.52 10.98 8.45
N LYS B 21 15.78 11.20 8.82
CA LYS B 21 16.90 10.94 7.92
C LYS B 21 16.98 9.47 7.53
N GLN B 22 16.65 8.56 8.45
CA GLN B 22 16.74 7.14 8.12
C GLN B 22 15.79 6.82 6.98
N THR B 23 14.56 7.29 7.10
CA THR B 23 13.60 7.03 6.03
C THR B 23 14.05 7.71 4.76
N MET B 24 14.53 8.94 4.85
CA MET B 24 14.91 9.64 3.63
C MET B 24 15.99 8.85 2.90
N GLU B 25 16.94 8.29 3.64
CA GLU B 25 18.01 7.52 3.03
C GLU B 25 17.47 6.25 2.38
N ILE B 26 16.65 5.49 3.12
CA ILE B 26 16.08 4.27 2.55
C ILE B 26 15.15 4.61 1.42
N HIS B 27 14.30 5.61 1.65
CA HIS B 27 13.32 5.99 0.66
C HIS B 27 13.98 6.33 -0.65
N HIS B 28 15.10 7.04 -0.58
CA HIS B 28 15.78 7.44 -1.78
C HIS B 28 16.65 6.31 -2.32
N THR B 29 17.59 5.82 -1.52
CA THR B 29 18.58 4.89 -2.03
C THR B 29 18.02 3.49 -2.27
N LYS B 30 16.92 3.15 -1.62
CA LYS B 30 16.33 1.82 -1.80
C LYS B 30 15.04 1.90 -2.61
N HIS B 31 14.03 2.59 -2.09
CA HIS B 31 12.73 2.52 -2.76
C HIS B 31 12.79 3.19 -4.11
N HIS B 32 13.26 4.43 -4.14
CA HIS B 32 13.30 5.12 -5.42
C HIS B 32 14.25 4.41 -6.36
N GLN B 33 15.42 4.02 -5.87
CA GLN B 33 16.36 3.27 -6.68
C GLN B 33 15.68 2.04 -7.29
N THR B 34 14.89 1.34 -6.50
CA THR B 34 14.23 0.15 -7.01
C THR B 34 13.27 0.49 -8.12
N TYR B 35 12.49 1.56 -7.95
CA TYR B 35 11.60 1.97 -9.04
C TYR B 35 12.39 2.25 -10.28
N VAL B 36 13.51 2.95 -10.13
CA VAL B 36 14.37 3.25 -11.26
C VAL B 36 14.84 1.95 -11.89
N ASN B 37 15.36 1.04 -11.04
CA ASN B 37 15.85 -0.23 -11.55
C ASN B 37 14.77 -1.00 -12.29
N ASN B 38 13.59 -1.11 -11.69
CA ASN B 38 12.59 -1.96 -12.30
C ASN B 38 11.96 -1.31 -13.50
N ALA B 39 11.84 0.01 -13.52
CA ALA B 39 11.43 0.69 -14.74
C ALA B 39 12.47 0.48 -15.83
N ASN B 40 13.76 0.66 -15.49
CA ASN B 40 14.80 0.44 -16.50
C ASN B 40 14.76 -0.97 -17.03
N ALA B 41 14.61 -1.95 -16.15
CA ALA B 41 14.57 -3.34 -16.60
C ALA B 41 13.43 -3.56 -17.56
N ALA B 42 12.26 -3.00 -17.27
CA ALA B 42 11.10 -3.19 -18.12
C ALA B 42 11.26 -2.47 -19.44
N LEU B 43 12.00 -1.37 -19.45
CA LEU B 43 12.19 -0.62 -20.67
C LEU B 43 13.25 -1.23 -21.57
N GLU B 44 14.02 -2.19 -21.06
CA GLU B 44 15.10 -2.76 -21.85
C GLU B 44 14.60 -3.37 -23.13
N ASN B 45 13.40 -3.94 -23.13
CA ASN B 45 12.91 -4.55 -24.36
C ASN B 45 11.93 -3.65 -25.08
N LEU B 46 11.85 -2.39 -24.71
CA LEU B 46 10.87 -1.44 -25.23
C LEU B 46 11.60 -0.25 -25.83
N PRO B 47 12.36 -0.44 -26.90
CA PRO B 47 13.10 0.69 -27.47
C PRO B 47 12.20 1.87 -27.82
N GLU B 48 10.97 1.62 -28.26
CA GLU B 48 10.10 2.72 -28.63
C GLU B 48 9.81 3.63 -27.46
N PHE B 49 9.84 3.08 -26.25
CA PHE B 49 9.46 3.81 -25.05
C PHE B 49 10.64 4.12 -24.14
N ALA B 50 11.81 3.57 -24.42
CA ALA B 50 12.91 3.59 -23.46
C ALA B 50 13.59 4.94 -23.35
N SER B 51 13.46 5.81 -24.34
CA SER B 51 14.19 7.07 -24.31
C SER B 51 13.35 8.20 -23.77
N LEU B 52 12.17 7.91 -23.31
CA LEU B 52 11.24 8.95 -22.93
C LEU B 52 11.53 9.43 -21.51
N PRO B 53 11.36 10.73 -21.25
CA PRO B 53 11.35 11.18 -19.86
C PRO B 53 10.27 10.44 -19.10
N VAL B 54 10.57 10.12 -17.85
CA VAL B 54 9.64 9.29 -17.08
C VAL B 54 8.25 9.93 -17.05
N GLU B 55 8.19 11.26 -16.94
CA GLU B 55 6.89 11.90 -16.85
C GLU B 55 6.14 11.81 -18.17
N GLU B 56 6.87 11.66 -19.27
CA GLU B 56 6.16 11.42 -20.52
C GLU B 56 5.79 9.95 -20.66
N LEU B 57 6.68 9.04 -20.24
CA LEU B 57 6.37 7.63 -20.33
C LEU B 57 5.06 7.30 -19.62
N ILE B 58 4.85 7.89 -18.44
CA ILE B 58 3.66 7.55 -17.67
C ILE B 58 2.39 8.15 -18.24
N THR B 59 2.50 9.03 -19.25
CA THR B 59 1.32 9.46 -19.99
C THR B 59 0.99 8.52 -21.14
N LYS B 60 1.84 7.53 -21.40
CA LYS B 60 1.66 6.62 -22.53
C LYS B 60 1.48 5.19 -22.07
N LEU B 61 1.09 5.00 -20.81
CA LEU B 61 0.92 3.65 -20.29
C LEU B 61 -0.06 2.85 -21.11
N ASP B 62 -1.12 3.49 -21.61
CA ASP B 62 -2.11 2.78 -22.39
C ASP B 62 -1.58 2.33 -23.75
N GLN B 63 -0.37 2.76 -24.13
CA GLN B 63 0.23 2.34 -25.39
C GLN B 63 1.16 1.16 -25.23
N VAL B 64 1.62 0.87 -24.02
CA VAL B 64 2.57 -0.24 -23.87
C VAL B 64 1.77 -1.54 -23.88
N PRO B 65 2.42 -2.69 -24.06
CA PRO B 65 1.70 -3.97 -23.97
C PRO B 65 1.27 -4.23 -22.53
N ALA B 66 0.39 -5.23 -22.39
CA ALA B 66 -0.17 -5.50 -21.07
C ALA B 66 0.88 -6.01 -20.10
N ASP B 67 1.80 -6.86 -20.57
CA ASP B 67 2.86 -7.36 -19.71
C ASP B 67 3.87 -6.28 -19.34
N LYS B 68 3.68 -5.05 -19.81
CA LYS B 68 4.54 -3.95 -19.47
C LYS B 68 3.81 -2.79 -18.82
N LYS B 69 2.51 -2.67 -19.02
CA LYS B 69 1.78 -1.52 -18.53
C LYS B 69 1.90 -1.42 -17.02
N THR B 70 1.63 -2.52 -16.33
CA THR B 70 1.62 -2.46 -14.88
C THR B 70 3.02 -2.22 -14.33
N VAL B 71 4.02 -2.93 -14.85
CA VAL B 71 5.36 -2.77 -14.28
C VAL B 71 5.85 -1.34 -14.48
N LEU B 72 5.54 -0.76 -15.63
CA LEU B 72 6.01 0.61 -15.83
C LEU B 72 5.11 1.61 -15.13
N ARG B 73 3.80 1.37 -15.14
CA ARG B 73 2.93 2.23 -14.36
C ARG B 73 3.46 2.31 -12.93
N ASN B 74 3.79 1.16 -12.36
CA ASN B 74 4.24 1.13 -10.98
C ASN B 74 5.63 1.73 -10.82
N ASN B 75 6.54 1.39 -11.72
CA ASN B 75 7.92 1.77 -11.44
C ASN B 75 8.28 3.08 -12.08
N ALA B 76 7.86 3.31 -13.31
CA ALA B 76 8.00 4.66 -13.84
C ALA B 76 7.14 5.62 -13.05
N GLY B 77 5.94 5.18 -12.65
CA GLY B 77 5.18 5.97 -11.71
C GLY B 77 5.96 6.29 -10.46
N GLY B 78 6.57 5.27 -9.86
CA GLY B 78 7.32 5.50 -8.65
C GLY B 78 8.49 6.43 -8.87
N HIS B 79 9.15 6.27 -10.01
CA HIS B 79 10.26 7.14 -10.33
C HIS B 79 9.78 8.58 -10.53
N ALA B 80 8.72 8.76 -11.33
CA ALA B 80 8.16 10.08 -11.51
C ALA B 80 7.77 10.70 -10.18
N ASN B 81 7.04 9.95 -9.35
CA ASN B 81 6.51 10.51 -8.13
C ASN B 81 7.62 10.86 -7.15
N HIS B 82 8.59 9.98 -7.00
CA HIS B 82 9.63 10.27 -6.02
C HIS B 82 10.52 11.39 -6.51
N SER B 83 10.78 11.45 -7.81
CA SER B 83 11.53 12.56 -8.35
C SER B 83 10.86 13.87 -8.01
N LEU B 84 9.55 13.95 -8.23
CA LEU B 84 8.82 15.14 -7.84
C LEU B 84 8.92 15.35 -6.35
N PHE B 85 8.71 14.28 -5.58
CA PHE B 85 8.66 14.38 -4.12
C PHE B 85 9.92 15.03 -3.56
N TRP B 86 11.09 14.55 -3.98
CA TRP B 86 12.32 15.09 -3.43
C TRP B 86 12.43 16.58 -3.72
N LYS B 87 12.19 16.96 -4.97
CA LYS B 87 12.19 18.38 -5.33
C LYS B 87 11.11 19.14 -4.60
N GLY B 88 10.03 18.45 -4.24
CA GLY B 88 8.91 19.06 -3.56
C GLY B 88 9.06 19.10 -2.06
N LEU B 89 10.25 18.81 -1.55
CA LEU B 89 10.51 18.81 -0.12
C LEU B 89 11.66 19.77 0.17
N LYS B 90 11.47 20.62 1.17
CA LYS B 90 12.49 21.58 1.56
C LYS B 90 12.03 22.29 2.81
N LYS B 91 12.94 22.42 3.78
CA LYS B 91 12.61 23.21 4.95
C LYS B 91 12.74 24.70 4.64
N GLY B 92 12.03 25.51 5.40
CA GLY B 92 12.22 26.94 5.36
C GLY B 92 11.47 27.68 4.26
N THR B 93 10.70 26.98 3.43
CA THR B 93 9.93 27.70 2.42
C THR B 93 8.65 28.26 3.03
N THR B 94 8.10 29.24 2.34
CA THR B 94 6.86 29.90 2.73
C THR B 94 5.90 29.92 1.56
N LEU B 95 4.68 29.42 1.78
CA LEU B 95 3.66 29.52 0.75
C LEU B 95 3.32 30.98 0.55
N GLN B 96 3.43 31.45 -0.68
CA GLN B 96 3.29 32.87 -0.97
C GLN B 96 2.92 33.03 -2.44
N GLY B 97 2.73 34.29 -2.84
CA GLY B 97 2.65 34.59 -4.25
C GLY B 97 1.41 34.03 -4.91
N ASP B 98 1.54 33.77 -6.21
CA ASP B 98 0.39 33.30 -7.00
C ASP B 98 -0.11 31.96 -6.51
N LEU B 99 0.79 31.08 -6.07
CA LEU B 99 0.35 29.77 -5.59
C LEU B 99 -0.51 29.91 -4.35
N LYS B 100 -0.07 30.73 -3.39
CA LYS B 100 -0.90 30.97 -2.22
C LYS B 100 -2.24 31.58 -2.62
N ALA B 101 -2.22 32.56 -3.52
CA ALA B 101 -3.45 33.20 -3.95
C ALA B 101 -4.37 32.21 -4.65
N ALA B 102 -3.80 31.33 -5.49
CA ALA B 102 -4.62 30.36 -6.21
C ALA B 102 -5.17 29.30 -5.26
N ILE B 103 -4.38 28.92 -4.25
CA ILE B 103 -4.89 28.02 -3.22
C ILE B 103 -6.07 28.67 -2.52
N GLU B 104 -5.91 29.94 -2.15
CA GLU B 104 -7.01 30.68 -1.53
C GLU B 104 -8.19 30.83 -2.48
N ARG B 105 -7.93 31.03 -3.76
CA ARG B 105 -9.02 31.17 -4.72
C ARG B 105 -9.77 29.86 -4.88
N ASP B 106 -9.04 28.75 -5.02
CA ASP B 106 -9.68 27.49 -5.34
C ASP B 106 -10.16 26.73 -4.12
N PHE B 107 -9.54 26.95 -2.96
CA PHE B 107 -9.94 26.28 -1.74
C PHE B 107 -10.53 27.21 -0.69
N GLY B 108 -10.61 28.50 -0.96
CA GLY B 108 -11.16 29.45 -0.01
C GLY B 108 -10.11 30.01 0.94
N SER B 109 -9.17 29.17 1.35
CA SER B 109 -8.15 29.56 2.31
C SER B 109 -7.06 28.50 2.29
N VAL B 110 -5.88 28.88 2.76
CA VAL B 110 -4.80 27.90 2.88
C VAL B 110 -5.22 26.78 3.81
N ASP B 111 -5.82 27.13 4.95
CA ASP B 111 -6.26 26.14 5.92
C ASP B 111 -7.30 25.19 5.34
N ASN B 112 -8.22 25.72 4.53
CA ASN B 112 -9.21 24.85 3.88
C ASN B 112 -8.52 23.86 2.96
N PHE B 113 -7.59 24.35 2.13
CA PHE B 113 -6.80 23.46 1.29
C PHE B 113 -6.04 22.46 2.14
N LYS B 114 -5.36 22.93 3.18
CA LYS B 114 -4.57 22.01 4.00
C LYS B 114 -5.45 20.92 4.59
N ALA B 115 -6.63 21.31 5.07
CA ALA B 115 -7.58 20.34 5.59
C ALA B 115 -8.01 19.36 4.50
N GLU B 116 -8.21 19.86 3.27
CA GLU B 116 -8.62 18.97 2.20
C GLU B 116 -7.47 18.07 1.78
N PHE B 117 -6.27 18.63 1.70
CA PHE B 117 -5.10 17.82 1.43
C PHE B 117 -4.91 16.76 2.51
N GLU B 118 -4.97 17.17 3.79
CA GLU B 118 -4.77 16.21 4.86
C GLU B 118 -5.79 15.10 4.80
N LYS B 119 -7.05 15.45 4.52
CA LYS B 119 -8.09 14.43 4.36
C LYS B 119 -7.72 13.47 3.25
N ALA B 120 -7.33 13.99 2.09
CA ALA B 120 -6.97 13.12 0.99
C ALA B 120 -5.78 12.25 1.33
N ALA B 121 -4.77 12.82 2.01
CA ALA B 121 -3.60 12.03 2.38
C ALA B 121 -3.95 11.00 3.43
N ALA B 122 -4.84 11.34 4.35
CA ALA B 122 -5.19 10.39 5.39
C ALA B 122 -6.12 9.30 4.89
N THR B 123 -7.04 9.63 3.98
CA THR B 123 -8.02 8.67 3.51
C THR B 123 -7.52 7.76 2.42
N ARG B 124 -6.33 8.02 1.88
CA ARG B 124 -5.76 7.13 0.89
C ARG B 124 -5.55 5.77 1.53
N PHE B 125 -6.35 4.80 1.12
CA PHE B 125 -6.30 3.50 1.76
C PHE B 125 -5.28 2.64 1.02
N GLY B 126 -4.39 2.03 1.78
CA GLY B 126 -3.28 1.35 1.16
C GLY B 126 -2.19 2.35 0.84
N SER B 127 -1.43 2.04 -0.19
CA SER B 127 -0.32 2.89 -0.55
C SER B 127 -0.79 3.89 -1.59
N GLY B 128 -0.14 5.04 -1.60
CA GLY B 128 -0.49 6.00 -2.61
C GLY B 128 0.09 7.35 -2.26
N TRP B 129 -0.46 8.34 -2.93
CA TRP B 129 0.03 9.70 -2.87
C TRP B 129 -1.16 10.60 -2.73
N ALA B 130 -0.95 11.71 -2.02
CA ALA B 130 -1.87 12.83 -2.05
C ALA B 130 -1.23 13.93 -2.88
N TRP B 131 -2.04 14.57 -3.70
CA TRP B 131 -1.52 15.54 -4.65
C TRP B 131 -2.26 16.86 -4.52
N LEU B 132 -1.50 17.93 -4.64
CA LEU B 132 -2.02 19.19 -5.13
C LEU B 132 -1.79 19.19 -6.63
N VAL B 133 -2.88 19.19 -7.40
CA VAL B 133 -2.75 19.24 -8.85
C VAL B 133 -3.40 20.51 -9.35
N LEU B 134 -3.00 20.87 -10.57
CA LEU B 134 -3.62 21.94 -11.32
C LEU B 134 -4.36 21.30 -12.48
N LYS B 135 -5.66 21.52 -12.54
CA LYS B 135 -6.52 20.99 -13.59
C LYS B 135 -6.99 22.21 -14.38
N GLY B 136 -6.41 22.38 -15.57
CA GLY B 136 -6.63 23.60 -16.32
C GLY B 136 -6.18 24.81 -15.52
N ASP B 137 -7.14 25.55 -14.97
CA ASP B 137 -6.85 26.72 -14.16
C ASP B 137 -7.32 26.54 -12.71
N LYS B 138 -7.72 25.35 -12.32
CA LYS B 138 -8.25 25.10 -10.98
C LYS B 138 -7.33 24.12 -10.25
N LEU B 139 -6.84 24.53 -9.09
CA LEU B 139 -6.12 23.63 -8.21
C LEU B 139 -7.08 22.63 -7.60
N ALA B 140 -6.65 21.38 -7.50
CA ALA B 140 -7.47 20.36 -6.89
C ALA B 140 -6.59 19.48 -6.03
N VAL B 141 -7.19 18.92 -4.99
CA VAL B 141 -6.54 17.91 -4.18
C VAL B 141 -7.06 16.56 -4.64
N VAL B 142 -6.15 15.69 -5.04
CA VAL B 142 -6.50 14.36 -5.49
C VAL B 142 -5.54 13.40 -4.82
N SER B 143 -5.89 12.13 -4.84
CA SER B 143 -4.96 11.13 -4.39
C SER B 143 -4.95 9.99 -5.40
N THR B 144 -3.84 9.28 -5.41
CA THR B 144 -3.67 8.16 -6.32
C THR B 144 -3.21 6.97 -5.51
N ALA B 145 -3.44 5.79 -6.08
CA ALA B 145 -3.02 4.57 -5.44
C ALA B 145 -1.60 4.26 -5.85
N ASN B 146 -0.87 3.62 -4.94
CA ASN B 146 0.42 3.00 -5.25
C ASN B 146 1.34 4.06 -5.82
N GLN B 147 1.91 3.85 -7.00
CA GLN B 147 2.74 4.86 -7.65
C GLN B 147 2.04 5.49 -8.82
N ASP B 148 0.71 5.41 -8.84
CA ASP B 148 0.00 6.17 -9.85
C ASP B 148 0.24 7.65 -9.66
N SER B 149 0.22 8.34 -10.77
CA SER B 149 0.38 9.76 -10.83
C SER B 149 -0.81 10.38 -11.54
N PRO B 150 -1.25 11.56 -11.15
CA PRO B 150 -2.28 12.23 -11.94
C PRO B 150 -1.84 12.43 -13.38
N LEU B 151 -0.53 12.51 -13.62
CA LEU B 151 -0.04 12.64 -14.98
C LEU B 151 -0.44 11.44 -15.83
N MET B 152 -0.80 10.35 -15.18
CA MET B 152 -1.18 9.14 -15.86
C MET B 152 -2.58 9.25 -16.46
N GLY B 153 -3.35 10.23 -15.99
CA GLY B 153 -4.70 10.43 -16.46
C GLY B 153 -5.71 9.66 -15.64
N GLU B 154 -6.97 10.07 -15.81
CA GLU B 154 -8.06 9.56 -14.98
C GLU B 154 -8.24 8.06 -15.12
N ALA B 155 -8.21 7.57 -16.37
CA ALA B 155 -8.53 6.17 -16.61
C ALA B 155 -7.63 5.26 -15.79
N ILE B 156 -6.32 5.54 -15.80
CA ILE B 156 -5.40 4.68 -15.06
C ILE B 156 -5.41 5.04 -13.58
N SER B 157 -5.23 6.31 -13.26
CA SER B 157 -4.92 6.70 -11.90
C SER B 157 -6.14 7.09 -11.09
N GLY B 158 -7.29 7.28 -11.73
CA GLY B 158 -8.41 7.85 -11.01
C GLY B 158 -8.21 9.30 -10.66
N ALA B 159 -7.17 9.92 -11.20
CA ALA B 159 -6.87 11.31 -10.93
C ALA B 159 -6.29 11.91 -12.19
N SER B 160 -6.25 13.22 -12.24
CA SER B 160 -5.65 13.91 -13.36
C SER B 160 -5.18 15.27 -12.88
N GLY B 161 -4.59 16.02 -13.79
CA GLY B 161 -4.06 17.32 -13.46
C GLY B 161 -2.55 17.31 -13.34
N PHE B 162 -1.98 18.49 -13.39
CA PHE B 162 -0.54 18.67 -13.31
C PHE B 162 -0.15 18.74 -11.84
N PRO B 163 0.63 17.81 -11.34
CA PRO B 163 0.98 17.83 -9.92
C PRO B 163 1.77 19.07 -9.56
N ILE B 164 1.27 19.81 -8.58
CA ILE B 164 2.01 20.94 -8.03
C ILE B 164 2.95 20.47 -6.94
N LEU B 165 2.43 19.63 -6.05
CA LEU B 165 3.23 18.96 -5.06
C LEU B 165 2.51 17.69 -4.71
N GLY B 166 3.20 16.82 -3.98
CA GLY B 166 2.57 15.59 -3.56
C GLY B 166 3.18 15.12 -2.26
N LEU B 167 2.41 14.29 -1.59
CA LEU B 167 2.85 13.68 -0.35
C LEU B 167 2.77 12.18 -0.53
N ASP B 168 3.90 11.52 -0.35
CA ASP B 168 3.98 10.08 -0.37
C ASP B 168 3.33 9.54 0.89
N VAL B 169 2.25 8.78 0.74
CA VAL B 169 1.67 8.19 1.93
C VAL B 169 1.77 6.67 1.89
N TRP B 170 2.67 6.14 1.08
CA TRP B 170 3.11 4.79 1.32
C TRP B 170 3.64 4.70 2.75
N GLU B 171 3.38 3.58 3.41
CA GLU B 171 3.87 3.48 4.77
C GLU B 171 5.38 3.54 4.84
N HIS B 172 6.09 3.15 3.78
CA HIS B 172 7.54 3.27 3.87
C HIS B 172 7.96 4.73 4.00
N ALA B 173 7.09 5.65 3.63
CA ALA B 173 7.43 7.06 3.72
C ALA B 173 7.37 7.56 5.14
N TYR B 174 6.70 6.86 6.02
CA TYR B 174 6.52 7.41 7.34
C TYR B 174 6.55 6.38 8.43
N TYR B 175 6.66 5.10 8.11
CA TYR B 175 6.42 4.13 9.16
C TYR B 175 7.51 4.15 10.21
N LEU B 176 8.77 4.38 9.80
CA LEU B 176 9.85 4.26 10.78
C LEU B 176 9.66 5.25 11.92
N LYS B 177 9.26 6.47 11.60
CA LYS B 177 9.12 7.50 12.61
C LYS B 177 7.71 7.57 13.16
N PHE B 178 6.71 7.41 12.28
CA PHE B 178 5.33 7.68 12.65
C PHE B 178 4.52 6.41 12.85
N GLN B 179 5.08 5.25 12.50
CA GLN B 179 4.32 4.02 12.39
C GLN B 179 2.95 4.31 11.81
N ASN B 180 1.89 3.88 12.48
CA ASN B 180 0.55 4.02 11.93
C ASN B 180 0.05 5.45 11.93
N ARG B 181 0.77 6.38 12.55
CA ARG B 181 0.25 7.72 12.79
C ARG B 181 0.44 8.58 11.54
N ARG B 182 -0.14 8.10 10.45
CA ARG B 182 0.00 8.84 9.20
C ARG B 182 -0.48 10.28 9.33
N PRO B 183 -1.56 10.59 10.07
CA PRO B 183 -1.89 12.01 10.22
C PRO B 183 -0.76 12.84 10.79
N ASP B 184 0.03 12.31 11.73
CA ASP B 184 1.17 13.08 12.25
C ASP B 184 2.18 13.35 11.15
N TYR B 185 2.43 12.33 10.33
CA TYR B 185 3.33 12.50 9.21
C TYR B 185 2.80 13.53 8.24
N ILE B 186 1.51 13.45 7.94
CA ILE B 186 0.89 14.41 7.04
C ILE B 186 1.04 15.83 7.59
N LYS B 187 0.85 15.99 8.90
CA LYS B 187 1.03 17.31 9.50
C LYS B 187 2.47 17.76 9.38
N GLU B 188 3.42 16.84 9.57
CA GLU B 188 4.83 17.18 9.43
C GLU B 188 5.16 17.61 8.03
N PHE B 189 4.41 17.09 7.05
CA PHE B 189 4.69 17.42 5.66
C PHE B 189 4.57 18.91 5.42
N TRP B 190 3.68 19.60 6.15
CA TRP B 190 3.56 21.03 5.99
C TRP B 190 4.86 21.75 6.31
N ASN B 191 5.68 21.17 7.18
CA ASN B 191 6.96 21.78 7.53
C ASN B 191 8.03 21.56 6.48
N VAL B 192 7.81 20.64 5.54
CA VAL B 192 8.84 20.29 4.57
C VAL B 192 8.34 20.36 3.14
N VAL B 193 7.05 20.61 2.91
CA VAL B 193 6.60 20.79 1.53
C VAL B 193 7.31 21.99 0.97
N ASN B 194 7.98 21.80 -0.16
CA ASN B 194 8.78 22.85 -0.77
C ASN B 194 7.84 23.75 -1.53
N TRP B 195 7.42 24.84 -0.88
CA TRP B 195 6.49 25.74 -1.55
C TRP B 195 7.17 26.47 -2.70
N ASP B 196 8.48 26.65 -2.64
CA ASP B 196 9.18 27.29 -3.75
C ASP B 196 9.06 26.46 -5.01
N GLU B 197 9.34 25.17 -4.90
CA GLU B 197 9.18 24.28 -6.04
C GLU B 197 7.71 24.17 -6.44
N ALA B 198 6.81 24.07 -5.46
CA ALA B 198 5.39 24.06 -5.78
C ALA B 198 5.01 25.33 -6.53
N ALA B 199 5.54 26.47 -6.10
CA ALA B 199 5.29 27.73 -6.80
C ALA B 199 5.87 27.67 -8.22
N ALA B 200 7.11 27.21 -8.33
CA ALA B 200 7.76 27.08 -9.64
C ALA B 200 6.93 26.21 -10.57
N ARG B 201 6.47 25.06 -10.08
CA ARG B 201 5.63 24.19 -10.90
C ARG B 201 4.30 24.86 -11.21
N PHE B 202 3.74 25.58 -10.24
CA PHE B 202 2.49 26.27 -10.50
C PHE B 202 2.66 27.33 -11.57
N ALA B 203 3.76 28.09 -11.49
CA ALA B 203 4.03 29.10 -12.51
C ALA B 203 4.31 28.47 -13.87
N ALA B 204 4.79 27.22 -13.88
CA ALA B 204 5.23 26.59 -15.13
C ALA B 204 4.07 26.12 -15.99
N LYS B 205 2.97 25.65 -15.39
CA LYS B 205 1.82 25.24 -16.22
C LYS B 205 0.52 25.91 -15.78
N LYS B 206 0.59 27.07 -15.13
CA LYS B 206 -0.61 27.78 -14.65
C LYS B 206 -1.58 28.12 -15.78
C1 GOL C . 7.38 -24.84 5.30
O1 GOL C . 7.57 -26.21 5.38
C2 GOL C . 8.76 -24.34 5.72
O2 GOL C . 9.61 -24.16 4.66
C3 GOL C . 8.63 -23.15 6.68
O3 GOL C . 7.28 -22.87 6.90
C1 EDO D . -8.91 4.22 15.06
O1 EDO D . -10.34 4.17 15.00
C2 EDO D . -8.40 5.05 13.91
O2 EDO D . -7.01 4.77 13.71
C1 GOL E . 1.30 -6.23 -8.47
O1 GOL E . 0.62 -5.90 -7.32
C2 GOL E . 0.49 -7.38 -9.13
O2 GOL E . 1.18 -7.94 -10.19
C3 GOL E . 0.24 -8.39 -7.98
O3 GOL E . 1.50 -8.84 -7.63
MN MN F . -1.67 -5.35 8.22
S SO4 G . -2.56 6.22 17.59
O1 SO4 G . -1.24 5.79 18.03
O2 SO4 G . -3.57 5.57 18.41
O3 SO4 G . -2.67 7.66 17.74
O4 SO4 G . -2.77 5.88 16.18
S SO4 H . -17.20 -12.97 -8.34
O1 SO4 H . -17.34 -14.41 -8.11
O2 SO4 H . -16.84 -12.32 -7.08
O3 SO4 H . -16.15 -12.72 -9.31
O4 SO4 H . -18.48 -12.46 -8.82
C1 EDO I . -18.63 8.41 4.32
O1 EDO I . -17.87 8.68 5.49
C2 EDO I . -19.99 7.91 4.72
O2 EDO I . -20.91 8.18 3.68
C1 EDO J . 16.39 -8.49 7.87
O1 EDO J . 16.09 -7.60 6.79
C2 EDO J . 16.26 -7.73 9.19
O2 EDO J . 16.91 -6.46 9.02
C1 EDO K . -4.48 -0.21 -8.57
O1 EDO K . -5.24 -1.24 -9.20
C2 EDO K . -5.19 1.14 -8.67
O2 EDO K . -6.39 1.13 -7.88
C1 GOL L . 1.16 26.31 4.32
O1 GOL L . 1.74 27.52 4.67
C2 GOL L . 1.35 25.34 5.52
O2 GOL L . 0.71 25.79 6.66
C3 GOL L . 2.88 25.21 5.72
O3 GOL L . 3.36 24.41 4.68
MN MN M . 7.75 6.35 -1.53
S SO4 N . 18.55 -3.78 0.29
O1 SO4 N . 18.87 -5.18 0.55
O2 SO4 N . 18.66 -3.02 1.52
O3 SO4 N . 19.50 -3.23 -0.69
O4 SO4 N . 17.21 -3.69 -0.25
S SO4 O . 2.08 36.78 -0.10
O1 SO4 O . 1.00 35.80 -0.08
O2 SO4 O . 3.01 36.53 0.99
O3 SO4 O . 1.51 38.12 0.06
O4 SO4 O . 2.79 36.69 -1.38
C1 EDO P . 9.06 13.78 -15.43
O1 EDO P . 9.80 13.38 -16.60
C2 EDO P . 10.07 14.34 -14.44
O2 EDO P . 10.67 13.26 -13.70
C1 EDO Q . 5.93 10.94 15.81
O1 EDO Q . 5.90 9.85 16.74
C2 EDO Q . 4.51 11.49 15.70
O2 EDO Q . 3.60 10.43 15.42
C1 EDO R . -14.56 9.58 4.11
O1 EDO R . -15.78 9.37 3.41
C2 EDO R . -14.76 10.72 5.11
O2 EDO R . -15.26 11.87 4.42
#